data_4KKM
#
_entry.id   4KKM
#
_cell.length_a   73.414
_cell.length_b   73.414
_cell.length_c   229.419
_cell.angle_alpha   90.000
_cell.angle_beta   90.000
_cell.angle_gamma   90.000
#
_symmetry.space_group_name_H-M   'P 41 21 2'
#
loop_
_entity.id
_entity.type
_entity.pdbx_description
1 polymer 'Polyprenyl synthetase'
2 non-polymer GLYCEROL
3 non-polymer 'CALCIUM ION'
4 non-polymer 'ACETATE ION'
5 water water
#
_entity_poly.entity_id   1
_entity_poly.type   'polypeptide(L)'
_entity_poly.pdbx_seq_one_letter_code
;MHHHHHHSSGVDLGTENLYFQSMAVNLKTMMEQVAQDIDRLFAEQLPVPEDPRRRLVEAMRYAAIGGGKRLRPLLVVATC
ALFNVDREAALRVGMAIECIHVYSLIHDDMPCMDNDDLRRGKPTVHKAFDDASAVLSGDALQALAFEILSEEKIHTDPHV
RLELIQALAIASGKDGMVGGQAIDLAAETSTVPFDLPTITRLQQLKTGALFGFCLEAGAIMGRQNKDIRDRLKAYARDIG
LAFQIADDLIDAEGDEAVAGKAVGKDAAAGKATFLSLLGLEKARSQAQALVDQAIAHLSVFGSEADYLRSIARYIVARDH
;
_entity_poly.pdbx_strand_id   A,B
#
loop_
_chem_comp.id
_chem_comp.type
_chem_comp.name
_chem_comp.formula
ACT non-polymer 'ACETATE ION' 'C2 H3 O2 -1'
CA non-polymer 'CALCIUM ION' 'Ca 2'
GOL non-polymer GLYCEROL 'C3 H8 O3'
#
# COMPACT_ATOMS: atom_id res chain seq x y z
N MET A 23 0.15 -26.41 -28.05
CA MET A 23 0.02 -25.92 -26.69
C MET A 23 0.76 -24.60 -26.48
N ALA A 24 1.83 -24.40 -27.25
CA ALA A 24 2.63 -23.19 -27.17
C ALA A 24 1.94 -22.03 -27.91
N VAL A 25 1.04 -22.40 -28.82
CA VAL A 25 0.30 -21.41 -29.59
C VAL A 25 -0.93 -20.90 -28.86
N ASN A 26 -1.62 -21.79 -28.17
CA ASN A 26 -2.76 -21.40 -27.35
C ASN A 26 -2.31 -20.55 -26.18
N LEU A 27 -1.08 -20.78 -25.73
CA LEU A 27 -0.49 -20.00 -24.66
C LEU A 27 -0.05 -18.63 -25.17
N LYS A 28 0.69 -18.61 -26.28
CA LYS A 28 1.16 -17.35 -26.86
C LYS A 28 0.01 -16.40 -27.19
N THR A 29 -1.16 -16.96 -27.49
CA THR A 29 -2.34 -16.12 -27.75
C THR A 29 -3.13 -15.77 -26.50
N MET A 30 -3.14 -16.67 -25.50
CA MET A 30 -3.71 -16.29 -24.21
C MET A 30 -2.93 -15.08 -23.72
N MET A 31 -1.60 -15.19 -23.80
CA MET A 31 -0.70 -14.11 -23.42
C MET A 31 -1.07 -12.77 -24.03
N GLU A 32 -1.25 -12.74 -25.35
CA GLU A 32 -1.55 -11.48 -26.00
C GLU A 32 -2.91 -10.92 -25.60
N GLN A 33 -3.91 -11.80 -25.49
CA GLN A 33 -5.21 -11.37 -25.00
C GLN A 33 -5.07 -10.77 -23.60
N VAL A 34 -4.27 -11.39 -22.75
CA VAL A 34 -4.04 -10.87 -21.40
C VAL A 34 -3.36 -9.50 -21.42
N ALA A 35 -2.30 -9.37 -22.20
CA ALA A 35 -1.54 -8.12 -22.26
C ALA A 35 -2.38 -6.92 -22.70
N GLN A 36 -3.17 -7.10 -23.76
CA GLN A 36 -3.99 -5.99 -24.25
C GLN A 36 -5.13 -5.66 -23.30
N ASP A 37 -5.64 -6.66 -22.59
CA ASP A 37 -6.70 -6.45 -21.60
C ASP A 37 -6.20 -5.65 -20.40
N ILE A 38 -5.05 -6.06 -19.87
CA ILE A 38 -4.44 -5.35 -18.74
C ILE A 38 -4.15 -3.91 -19.12
N ASP A 39 -3.63 -3.71 -20.32
CA ASP A 39 -3.39 -2.37 -20.85
C ASP A 39 -4.69 -1.54 -20.88
N ARG A 40 -5.76 -2.16 -21.35
CA ARG A 40 -7.06 -1.50 -21.40
C ARG A 40 -7.53 -1.14 -20.00
N LEU A 41 -7.40 -2.08 -19.07
CA LEU A 41 -7.85 -1.89 -17.70
C LEU A 41 -7.12 -0.73 -17.00
N PHE A 42 -5.80 -0.68 -17.17
CA PHE A 42 -4.98 0.36 -16.58
C PHE A 42 -5.34 1.76 -17.10
N ALA A 43 -5.50 1.88 -18.41
CA ALA A 43 -5.84 3.16 -19.04
C ALA A 43 -7.17 3.68 -18.51
N GLU A 44 -8.09 2.75 -18.35
CA GLU A 44 -9.44 2.98 -17.86
C GLU A 44 -9.44 3.31 -16.37
N GLN A 45 -8.53 2.68 -15.63
CA GLN A 45 -8.42 2.86 -14.19
C GLN A 45 -7.71 4.17 -13.83
N LEU A 46 -6.99 4.72 -14.79
CA LEU A 46 -6.13 5.88 -14.53
C LEU A 46 -6.42 7.10 -15.40
N PRO A 47 -7.64 7.65 -15.32
CA PRO A 47 -7.87 8.88 -16.08
C PRO A 47 -7.01 10.01 -15.52
N VAL A 48 -6.44 10.83 -16.41
CA VAL A 48 -5.58 11.91 -15.99
C VAL A 48 -6.42 13.10 -15.54
N PRO A 49 -6.42 13.36 -14.22
CA PRO A 49 -7.28 14.41 -13.67
C PRO A 49 -6.89 15.78 -14.20
N GLU A 50 -7.88 16.67 -14.30
CA GLU A 50 -7.63 18.05 -14.66
C GLU A 50 -7.35 18.88 -13.41
N ASP A 51 -6.21 18.60 -12.78
CA ASP A 51 -5.73 19.37 -11.64
C ASP A 51 -4.24 19.01 -11.46
N PRO A 52 -3.55 19.62 -10.48
CA PRO A 52 -2.10 19.33 -10.38
C PRO A 52 -1.68 17.87 -10.10
N ARG A 53 -2.64 16.96 -9.93
CA ARG A 53 -2.31 15.54 -9.85
C ARG A 53 -1.93 14.97 -11.23
N ARG A 54 -1.94 15.82 -12.25
CA ARG A 54 -1.62 15.38 -13.61
C ARG A 54 -0.32 14.58 -13.69
N ARG A 55 0.76 15.14 -13.13
CA ARG A 55 2.07 14.49 -13.19
C ARG A 55 2.06 13.12 -12.51
N LEU A 56 1.45 13.05 -11.34
CA LEU A 56 1.33 11.79 -10.61
C LEU A 56 0.71 10.69 -11.46
N VAL A 57 -0.45 10.99 -12.05
CA VAL A 57 -1.18 9.98 -12.80
C VAL A 57 -0.53 9.64 -14.14
N GLU A 58 0.07 10.64 -14.78
CA GLU A 58 0.83 10.39 -15.98
C GLU A 58 2.02 9.47 -15.68
N ALA A 59 2.63 9.64 -14.51
CA ALA A 59 3.72 8.76 -14.10
C ALA A 59 3.24 7.34 -13.86
N MET A 60 2.09 7.21 -13.18
CA MET A 60 1.47 5.92 -12.96
C MET A 60 1.16 5.19 -14.28
N ARG A 61 0.60 5.92 -15.23
CA ARG A 61 0.28 5.35 -16.54
C ARG A 61 1.54 4.96 -17.32
N TYR A 62 2.55 5.83 -17.25
CA TYR A 62 3.82 5.58 -17.90
C TYR A 62 4.43 4.26 -17.43
N ALA A 63 4.35 4.02 -16.13
CA ALA A 63 4.93 2.82 -15.54
C ALA A 63 4.06 1.59 -15.75
N ALA A 64 2.75 1.75 -15.67
CA ALA A 64 1.84 0.60 -15.69
C ALA A 64 1.40 0.14 -17.08
N ILE A 65 1.36 1.07 -18.03
CA ILE A 65 0.82 0.74 -19.35
C ILE A 65 1.89 0.40 -20.39
N GLY A 66 1.60 -0.61 -21.22
CA GLY A 66 2.45 -0.98 -22.32
C GLY A 66 3.59 -1.91 -21.96
N GLY A 67 4.14 -1.70 -20.76
CA GLY A 67 5.39 -2.31 -20.33
C GLY A 67 5.59 -3.82 -20.46
N GLY A 68 5.52 -4.51 -19.33
CA GLY A 68 5.94 -5.90 -19.25
C GLY A 68 5.14 -6.91 -20.05
N LYS A 69 5.47 -8.19 -19.87
CA LYS A 69 4.80 -9.28 -20.56
C LYS A 69 3.65 -9.82 -19.70
N ARG A 70 3.42 -9.16 -18.57
CA ARG A 70 2.29 -9.47 -17.69
C ARG A 70 2.28 -10.90 -17.18
N LEU A 71 3.44 -11.39 -16.75
CA LEU A 71 3.55 -12.74 -16.22
C LEU A 71 2.53 -12.95 -15.09
N ARG A 72 2.42 -11.97 -14.20
CA ARG A 72 1.56 -12.13 -13.04
C ARG A 72 0.05 -12.16 -13.38
N PRO A 73 -0.44 -11.19 -14.19
CA PRO A 73 -1.83 -11.34 -14.64
C PRO A 73 -2.08 -12.63 -15.43
N LEU A 74 -1.08 -13.08 -16.18
CA LEU A 74 -1.18 -14.31 -16.95
C LEU A 74 -1.41 -15.50 -16.04
N LEU A 75 -0.66 -15.56 -14.94
CA LEU A 75 -0.80 -16.65 -13.97
C LEU A 75 -2.18 -16.64 -13.34
N VAL A 76 -2.68 -15.45 -13.03
CA VAL A 76 -4.01 -15.31 -12.43
C VAL A 76 -5.09 -15.83 -13.39
N VAL A 77 -5.00 -15.41 -14.65
CA VAL A 77 -5.95 -15.85 -15.67
C VAL A 77 -5.90 -17.36 -15.89
N ALA A 78 -4.68 -17.91 -15.96
CA ALA A 78 -4.50 -19.32 -16.23
C ALA A 78 -4.94 -20.18 -15.05
N THR A 79 -4.78 -19.67 -13.83
CA THR A 79 -5.20 -20.40 -12.64
C THR A 79 -6.72 -20.34 -12.47
N CYS A 80 -7.29 -19.16 -12.67
CA CYS A 80 -8.74 -18.99 -12.60
C CYS A 80 -9.45 -19.87 -13.62
N ALA A 81 -8.75 -20.19 -14.70
CA ALA A 81 -9.30 -21.04 -15.76
C ALA A 81 -9.46 -22.50 -15.33
N LEU A 82 -8.82 -22.88 -14.23
CA LEU A 82 -8.95 -24.24 -13.70
C LEU A 82 -10.34 -24.44 -13.12
N PHE A 83 -10.98 -23.34 -12.74
CA PHE A 83 -12.23 -23.40 -12.00
C PHE A 83 -13.35 -22.64 -12.66
N ASN A 84 -13.13 -22.27 -13.93
CA ASN A 84 -14.07 -21.45 -14.69
C ASN A 84 -14.57 -20.28 -13.86
N VAL A 85 -13.64 -19.46 -13.39
CA VAL A 85 -13.98 -18.27 -12.64
C VAL A 85 -14.41 -17.23 -13.68
N ASP A 86 -15.27 -16.28 -13.27
CA ASP A 86 -15.65 -15.16 -14.10
C ASP A 86 -14.39 -14.56 -14.71
N ARG A 87 -14.32 -14.53 -16.04
CA ARG A 87 -13.08 -14.12 -16.70
C ARG A 87 -12.75 -12.65 -16.44
N GLU A 88 -13.76 -11.78 -16.54
CA GLU A 88 -13.54 -10.35 -16.31
C GLU A 88 -12.97 -10.04 -14.92
N ALA A 89 -13.58 -10.63 -13.89
CA ALA A 89 -13.11 -10.46 -12.53
C ALA A 89 -11.69 -10.99 -12.36
N ALA A 90 -11.36 -12.06 -13.08
CA ALA A 90 -10.01 -12.63 -13.04
C ALA A 90 -8.99 -11.63 -13.58
N LEU A 91 -9.35 -10.92 -14.65
CA LEU A 91 -8.50 -9.88 -15.22
C LEU A 91 -8.24 -8.75 -14.23
N ARG A 92 -9.29 -8.35 -13.50
CA ARG A 92 -9.17 -7.26 -12.55
C ARG A 92 -8.27 -7.64 -11.38
N VAL A 93 -8.37 -8.90 -10.96
CA VAL A 93 -7.47 -9.42 -9.94
C VAL A 93 -6.04 -9.40 -10.49
N GLY A 94 -5.92 -9.67 -11.79
CA GLY A 94 -4.66 -9.55 -12.50
C GLY A 94 -4.08 -8.15 -12.45
N MET A 95 -4.94 -7.15 -12.70
CA MET A 95 -4.50 -5.76 -12.63
C MET A 95 -4.06 -5.40 -11.21
N ALA A 96 -4.77 -5.93 -10.23
CA ALA A 96 -4.43 -5.70 -8.82
C ALA A 96 -3.04 -6.19 -8.48
N ILE A 97 -2.71 -7.43 -8.85
CA ILE A 97 -1.37 -7.96 -8.59
C ILE A 97 -0.33 -7.19 -9.39
N GLU A 98 -0.69 -6.77 -10.60
CA GLU A 98 0.24 -6.04 -11.46
C GLU A 98 0.54 -4.65 -10.90
N CYS A 99 -0.45 -4.05 -10.24
CA CYS A 99 -0.24 -2.80 -9.52
C CYS A 99 0.92 -2.93 -8.53
N ILE A 100 0.92 -4.03 -7.78
CA ILE A 100 1.97 -4.27 -6.79
C ILE A 100 3.32 -4.48 -7.47
N HIS A 101 3.33 -5.32 -8.50
CA HIS A 101 4.55 -5.59 -9.25
C HIS A 101 5.14 -4.31 -9.85
N VAL A 102 4.32 -3.56 -10.55
CA VAL A 102 4.77 -2.30 -11.17
C VAL A 102 5.28 -1.29 -10.13
N TYR A 103 4.55 -1.10 -9.03
CA TYR A 103 5.02 -0.16 -8.00
C TYR A 103 6.40 -0.59 -7.47
N SER A 104 6.58 -1.90 -7.28
CA SER A 104 7.83 -2.40 -6.73
C SER A 104 8.97 -2.08 -7.67
N LEU A 105 8.71 -2.15 -8.97
CA LEU A 105 9.73 -1.82 -9.97
C LEU A 105 10.09 -0.34 -9.95
N ILE A 106 9.08 0.51 -9.82
CA ILE A 106 9.31 1.96 -9.75
C ILE A 106 10.22 2.30 -8.56
N HIS A 107 9.91 1.75 -7.40
CA HIS A 107 10.73 2.00 -6.22
C HIS A 107 12.12 1.33 -6.34
N ASP A 108 12.16 0.12 -6.87
CA ASP A 108 13.44 -0.60 -7.01
C ASP A 108 14.41 0.12 -7.94
N ASP A 109 13.88 0.82 -8.95
CA ASP A 109 14.73 1.48 -9.94
C ASP A 109 15.43 2.72 -9.41
N MET A 110 14.90 3.29 -8.34
CA MET A 110 15.36 4.58 -7.81
C MET A 110 16.84 4.56 -7.41
N PRO A 111 17.49 5.74 -7.39
CA PRO A 111 18.94 5.81 -7.16
C PRO A 111 19.40 5.18 -5.84
N CYS A 112 18.59 5.27 -4.79
CA CYS A 112 18.98 4.71 -3.50
C CYS A 112 18.82 3.18 -3.49
N MET A 113 18.12 2.66 -4.48
CA MET A 113 17.92 1.21 -4.59
C MET A 113 18.81 0.66 -5.70
N ASP A 114 18.22 0.16 -6.78
CA ASP A 114 19.02 -0.44 -7.87
C ASP A 114 19.64 0.59 -8.83
N ASN A 115 19.16 1.83 -8.76
CA ASN A 115 19.70 2.92 -9.58
C ASN A 115 19.74 2.61 -11.08
N ASP A 116 18.59 2.22 -11.63
CA ASP A 116 18.51 1.89 -13.05
C ASP A 116 17.98 3.05 -13.88
N ASP A 117 18.60 3.28 -15.04
CA ASP A 117 18.21 4.36 -15.93
C ASP A 117 17.16 3.94 -16.95
N LEU A 118 17.15 2.66 -17.30
CA LEU A 118 16.22 2.12 -18.28
C LEU A 118 15.49 0.89 -17.72
N ARG A 119 14.38 0.52 -18.36
CA ARG A 119 13.60 -0.64 -17.95
C ARG A 119 13.22 -1.53 -19.13
N ARG A 120 12.15 -1.17 -19.83
CA ARG A 120 11.70 -1.90 -21.01
C ARG A 120 12.35 -1.27 -22.23
N GLY A 121 13.63 -0.93 -22.11
CA GLY A 121 14.30 -0.14 -23.12
C GLY A 121 13.76 1.28 -23.09
N LYS A 122 13.03 1.59 -22.02
CA LYS A 122 12.47 2.91 -21.81
C LYS A 122 13.00 3.47 -20.50
N PRO A 123 13.18 4.80 -20.42
CA PRO A 123 13.65 5.45 -19.19
C PRO A 123 12.79 5.08 -17.99
N THR A 124 13.42 4.90 -16.84
CA THR A 124 12.71 4.63 -15.60
C THR A 124 11.96 5.89 -15.16
N VAL A 125 10.99 5.71 -14.26
CA VAL A 125 10.12 6.82 -13.85
C VAL A 125 10.89 8.01 -13.28
N HIS A 126 11.86 7.73 -12.41
CA HIS A 126 12.63 8.81 -11.79
C HIS A 126 13.50 9.57 -12.80
N LYS A 127 13.82 8.93 -13.93
CA LYS A 127 14.58 9.60 -14.99
C LYS A 127 13.65 10.39 -15.91
N ALA A 128 12.52 9.80 -16.29
CA ALA A 128 11.57 10.47 -17.18
C ALA A 128 10.86 11.60 -16.45
N PHE A 129 10.62 11.41 -15.15
CA PHE A 129 9.96 12.41 -14.33
C PHE A 129 10.96 12.98 -13.31
N ASP A 130 10.92 12.47 -12.08
CA ASP A 130 11.90 12.80 -11.04
C ASP A 130 11.77 11.81 -9.89
N ASP A 131 12.68 11.90 -8.91
CA ASP A 131 12.71 10.95 -7.80
C ASP A 131 11.42 10.98 -6.97
N ALA A 132 10.96 12.17 -6.63
CA ALA A 132 9.74 12.30 -5.83
C ALA A 132 8.52 11.74 -6.57
N SER A 133 8.44 11.99 -7.87
CA SER A 133 7.37 11.43 -8.66
C SER A 133 7.42 9.91 -8.70
N ALA A 134 8.63 9.35 -8.69
CA ALA A 134 8.78 7.91 -8.62
C ALA A 134 8.27 7.37 -7.28
N VAL A 135 8.60 8.06 -6.19
CA VAL A 135 8.15 7.65 -4.87
C VAL A 135 6.63 7.62 -4.80
N LEU A 136 6.02 8.72 -5.24
CA LEU A 136 4.57 8.91 -5.09
C LEU A 136 3.77 8.02 -6.04
N SER A 137 4.25 7.86 -7.27
CA SER A 137 3.52 7.03 -8.23
C SER A 137 3.50 5.57 -7.77
N GLY A 138 4.63 5.08 -7.26
CA GLY A 138 4.66 3.76 -6.65
C GLY A 138 3.71 3.66 -5.47
N ASP A 139 3.73 4.66 -4.59
CA ASP A 139 2.89 4.66 -3.40
C ASP A 139 1.41 4.59 -3.78
N ALA A 140 1.02 5.32 -4.82
CA ALA A 140 -0.37 5.37 -5.25
C ALA A 140 -0.81 4.05 -5.89
N LEU A 141 0.11 3.42 -6.59
CA LEU A 141 -0.19 2.15 -7.24
C LEU A 141 -0.42 1.05 -6.20
N GLN A 142 0.30 1.10 -5.07
CA GLN A 142 0.05 0.10 -4.04
C GLN A 142 -1.36 0.25 -3.47
N ALA A 143 -1.75 1.48 -3.15
CA ALA A 143 -3.11 1.75 -2.68
C ALA A 143 -4.16 1.29 -3.69
N LEU A 144 -3.86 1.50 -4.97
CA LEU A 144 -4.82 1.20 -6.04
C LEU A 144 -5.08 -0.31 -6.11
N ALA A 145 -4.06 -1.12 -5.82
CA ALA A 145 -4.21 -2.57 -5.87
C ALA A 145 -5.33 -3.02 -4.94
N PHE A 146 -5.35 -2.43 -3.74
CA PHE A 146 -6.37 -2.77 -2.74
C PHE A 146 -7.72 -2.15 -3.04
N GLU A 147 -7.74 -0.98 -3.69
CA GLU A 147 -9.01 -0.40 -4.10
C GLU A 147 -9.68 -1.34 -5.10
N ILE A 148 -8.89 -1.84 -6.05
CA ILE A 148 -9.39 -2.72 -7.09
C ILE A 148 -9.93 -4.03 -6.52
N LEU A 149 -9.15 -4.66 -5.65
CA LEU A 149 -9.57 -5.93 -5.04
C LEU A 149 -10.83 -5.78 -4.20
N SER A 150 -11.05 -4.56 -3.70
CA SER A 150 -12.15 -4.30 -2.77
C SER A 150 -13.52 -4.18 -3.44
N GLU A 151 -13.52 -3.93 -4.75
CA GLU A 151 -14.78 -3.66 -5.46
C GLU A 151 -15.66 -4.89 -5.66
N GLU A 152 -16.97 -4.68 -5.62
CA GLU A 152 -17.95 -5.78 -5.71
C GLU A 152 -17.88 -6.55 -7.03
N LYS A 153 -17.39 -5.92 -8.09
CA LYS A 153 -17.27 -6.60 -9.38
C LYS A 153 -16.33 -7.81 -9.28
N ILE A 154 -15.36 -7.74 -8.37
CA ILE A 154 -14.44 -8.84 -8.14
C ILE A 154 -15.17 -10.15 -7.82
N HIS A 155 -16.10 -10.08 -6.86
CA HIS A 155 -16.88 -11.25 -6.46
C HIS A 155 -17.98 -10.91 -5.46
N THR A 156 -19.13 -11.57 -5.60
CA THR A 156 -20.27 -11.32 -4.72
C THR A 156 -20.00 -11.75 -3.28
N ASP A 157 -19.34 -12.89 -3.10
CA ASP A 157 -18.97 -13.34 -1.76
C ASP A 157 -17.95 -12.39 -1.14
N PRO A 158 -18.37 -11.67 -0.08
CA PRO A 158 -17.46 -10.72 0.58
C PRO A 158 -16.30 -11.46 1.24
N HIS A 159 -16.57 -12.67 1.72
CA HIS A 159 -15.56 -13.51 2.32
C HIS A 159 -14.42 -13.80 1.34
N VAL A 160 -14.78 -13.93 0.06
CA VAL A 160 -13.80 -14.13 -1.00
C VAL A 160 -12.90 -12.93 -1.17
N ARG A 161 -13.52 -11.75 -1.28
CA ARG A 161 -12.78 -10.52 -1.50
C ARG A 161 -11.81 -10.27 -0.36
N LEU A 162 -12.25 -10.57 0.86
CA LEU A 162 -11.40 -10.43 2.03
C LEU A 162 -10.21 -11.38 1.97
N GLU A 163 -10.45 -12.59 1.48
CA GLU A 163 -9.37 -13.57 1.32
C GLU A 163 -8.30 -13.06 0.36
N LEU A 164 -8.73 -12.52 -0.77
CA LEU A 164 -7.83 -11.93 -1.75
C LEU A 164 -7.05 -10.75 -1.15
N ILE A 165 -7.74 -9.89 -0.42
CA ILE A 165 -7.11 -8.71 0.16
C ILE A 165 -6.08 -9.10 1.22
N GLN A 166 -6.47 -10.00 2.12
CA GLN A 166 -5.52 -10.43 3.14
C GLN A 166 -4.29 -11.09 2.51
N ALA A 167 -4.54 -11.93 1.50
CA ALA A 167 -3.45 -12.62 0.81
C ALA A 167 -2.49 -11.65 0.13
N LEU A 168 -3.04 -10.64 -0.54
CA LEU A 168 -2.21 -9.65 -1.23
C LEU A 168 -1.41 -8.82 -0.22
N ALA A 169 -2.06 -8.44 0.88
CA ALA A 169 -1.38 -7.61 1.88
C ALA A 169 -0.21 -8.35 2.49
N ILE A 170 -0.40 -9.63 2.80
CA ILE A 170 0.68 -10.45 3.31
C ILE A 170 1.77 -10.64 2.24
N ALA A 171 1.34 -10.86 1.00
CA ALA A 171 2.27 -11.12 -0.09
C ALA A 171 3.09 -9.88 -0.47
N SER A 172 2.60 -8.71 -0.12
CA SER A 172 3.22 -7.47 -0.55
C SER A 172 4.14 -6.84 0.48
N GLY A 173 3.94 -7.15 1.77
CA GLY A 173 4.58 -6.40 2.83
C GLY A 173 5.81 -7.06 3.43
N LYS A 174 6.00 -6.87 4.74
CA LYS A 174 7.20 -7.33 5.44
C LYS A 174 7.37 -8.85 5.42
N ASP A 175 6.26 -9.56 5.28
CA ASP A 175 6.29 -11.01 5.25
C ASP A 175 6.15 -11.51 3.81
N GLY A 176 6.41 -10.60 2.88
CA GLY A 176 6.27 -10.87 1.45
C GLY A 176 7.30 -10.12 0.63
N MET A 177 6.83 -9.50 -0.44
CA MET A 177 7.72 -8.84 -1.41
CA MET A 177 7.71 -8.84 -1.42
C MET A 177 8.68 -7.83 -0.78
N VAL A 178 8.17 -6.94 0.04
CA VAL A 178 9.05 -5.92 0.62
C VAL A 178 10.09 -6.56 1.55
N GLY A 179 9.65 -7.60 2.26
CA GLY A 179 10.56 -8.38 3.08
C GLY A 179 11.69 -8.98 2.26
N GLY A 180 11.35 -9.44 1.06
CA GLY A 180 12.37 -9.98 0.17
C GLY A 180 13.31 -8.91 -0.34
N GLN A 181 12.75 -7.77 -0.74
CA GLN A 181 13.56 -6.61 -1.11
C GLN A 181 14.57 -6.27 -0.02
N ALA A 182 14.10 -6.32 1.23
CA ALA A 182 14.92 -5.98 2.38
C ALA A 182 16.07 -6.95 2.58
N ILE A 183 15.80 -8.24 2.42
CA ILE A 183 16.86 -9.25 2.52
C ILE A 183 17.91 -9.02 1.43
N ASP A 184 17.44 -8.66 0.23
CA ASP A 184 18.34 -8.42 -0.90
C ASP A 184 19.24 -7.23 -0.57
N LEU A 185 18.64 -6.20 -0.01
CA LEU A 185 19.38 -5.01 0.44
C LEU A 185 20.40 -5.37 1.53
N ALA A 186 20.02 -6.27 2.42
CA ALA A 186 20.92 -6.71 3.48
C ALA A 186 22.13 -7.47 2.92
N ALA A 187 21.91 -8.25 1.87
CA ALA A 187 22.98 -9.01 1.24
C ALA A 187 23.98 -8.05 0.61
N GLU A 188 23.45 -7.02 -0.03
CA GLU A 188 24.27 -6.06 -0.74
C GLU A 188 25.09 -5.17 0.20
N THR A 189 24.62 -4.97 1.42
CA THR A 189 25.32 -4.14 2.40
C THR A 189 26.05 -4.93 3.48
N SER A 190 26.11 -6.25 3.34
CA SER A 190 26.83 -7.09 4.29
C SER A 190 28.05 -7.70 3.62
N THR A 191 29.11 -7.94 4.40
CA THR A 191 30.30 -8.61 3.89
C THR A 191 30.27 -10.09 4.24
N VAL A 192 29.18 -10.53 4.86
CA VAL A 192 28.98 -11.95 5.13
C VAL A 192 28.16 -12.56 4.01
N PRO A 193 28.77 -13.47 3.24
CA PRO A 193 28.03 -14.08 2.13
C PRO A 193 26.86 -14.90 2.66
N PHE A 194 25.70 -14.81 2.00
CA PHE A 194 24.52 -15.51 2.48
C PHE A 194 24.60 -16.99 2.11
N ASP A 195 23.87 -17.83 2.83
CA ASP A 195 23.89 -19.27 2.55
C ASP A 195 22.71 -19.66 1.66
N LEU A 196 22.67 -20.92 1.23
CA LEU A 196 21.58 -21.42 0.40
C LEU A 196 20.19 -21.24 1.02
N PRO A 197 20.02 -21.59 2.32
CA PRO A 197 18.70 -21.36 2.92
C PRO A 197 18.29 -19.88 2.91
N THR A 198 19.24 -18.97 3.07
CA THR A 198 18.87 -17.56 3.10
C THR A 198 18.54 -17.01 1.71
N ILE A 199 19.33 -17.36 0.70
CA ILE A 199 18.96 -16.89 -0.64
C ILE A 199 17.71 -17.59 -1.19
N THR A 200 17.39 -18.76 -0.64
CA THR A 200 16.14 -19.43 -0.97
C THR A 200 14.98 -18.66 -0.35
N ARG A 201 15.11 -18.31 0.93
CA ARG A 201 14.11 -17.49 1.61
CA ARG A 201 14.10 -17.49 1.60
C ARG A 201 13.96 -16.15 0.89
N LEU A 202 15.10 -15.60 0.46
CA LEU A 202 15.11 -14.35 -0.29
C LEU A 202 14.24 -14.42 -1.55
N GLN A 203 14.39 -15.49 -2.33
CA GLN A 203 13.57 -15.68 -3.52
C GLN A 203 12.09 -15.86 -3.18
N GLN A 204 11.82 -16.70 -2.18
CA GLN A 204 10.45 -16.97 -1.74
C GLN A 204 9.71 -15.67 -1.45
N LEU A 205 10.40 -14.72 -0.85
CA LEU A 205 9.76 -13.45 -0.52
C LEU A 205 9.81 -12.45 -1.68
N LYS A 206 10.98 -12.27 -2.27
CA LYS A 206 11.19 -11.20 -3.25
C LYS A 206 10.39 -11.37 -4.53
N THR A 207 10.26 -12.61 -5.02
CA THR A 207 9.43 -12.87 -6.19
C THR A 207 8.37 -13.93 -5.92
N GLY A 208 8.64 -14.85 -5.00
CA GLY A 208 7.73 -15.94 -4.73
C GLY A 208 6.42 -15.54 -4.08
N ALA A 209 6.43 -14.43 -3.35
CA ALA A 209 5.19 -14.01 -2.67
C ALA A 209 4.13 -13.60 -3.69
N LEU A 210 4.51 -12.77 -4.66
CA LEU A 210 3.56 -12.33 -5.68
C LEU A 210 3.12 -13.50 -6.57
N PHE A 211 4.05 -14.39 -6.92
CA PHE A 211 3.69 -15.57 -7.72
C PHE A 211 2.70 -16.44 -6.96
N GLY A 212 2.98 -16.63 -5.68
CA GLY A 212 2.11 -17.41 -4.82
C GLY A 212 0.71 -16.81 -4.74
N PHE A 213 0.64 -15.49 -4.71
CA PHE A 213 -0.64 -14.81 -4.72
C PHE A 213 -1.42 -15.11 -5.99
N CYS A 214 -0.73 -15.10 -7.12
CA CYS A 214 -1.38 -15.32 -8.42
C CYS A 214 -2.08 -16.65 -8.44
N LEU A 215 -1.37 -17.68 -7.97
CA LEU A 215 -1.91 -19.03 -7.97
C LEU A 215 -2.99 -19.17 -6.89
N GLU A 216 -2.72 -18.65 -5.70
CA GLU A 216 -3.68 -18.74 -4.59
C GLU A 216 -4.97 -17.99 -4.90
N ALA A 217 -4.86 -16.88 -5.63
CA ALA A 217 -6.03 -16.10 -6.01
C ALA A 217 -7.01 -16.96 -6.81
N GLY A 218 -6.47 -17.84 -7.64
CA GLY A 218 -7.30 -18.76 -8.40
C GLY A 218 -8.09 -19.69 -7.50
N ALA A 219 -7.39 -20.33 -6.55
CA ALA A 219 -8.03 -21.22 -5.60
C ALA A 219 -9.11 -20.49 -4.80
N ILE A 220 -8.82 -19.24 -4.44
CA ILE A 220 -9.76 -18.42 -3.69
C ILE A 220 -10.98 -18.04 -4.52
N MET A 221 -10.74 -17.55 -5.73
CA MET A 221 -11.83 -17.18 -6.63
C MET A 221 -12.72 -18.38 -6.96
N GLY A 222 -12.19 -19.59 -6.78
CA GLY A 222 -12.94 -20.80 -7.05
C GLY A 222 -13.42 -21.53 -5.81
N ARG A 223 -13.21 -20.93 -4.65
CA ARG A 223 -13.60 -21.52 -3.36
C ARG A 223 -13.10 -22.97 -3.21
N GLN A 224 -11.82 -23.18 -3.53
CA GLN A 224 -11.25 -24.52 -3.53
C GLN A 224 -10.77 -24.94 -2.14
N ASN A 225 -10.54 -26.24 -1.97
CA ASN A 225 -10.10 -26.74 -0.67
C ASN A 225 -8.61 -26.59 -0.42
N LYS A 226 -8.17 -26.88 0.79
CA LYS A 226 -6.78 -26.72 1.20
C LYS A 226 -5.83 -27.56 0.33
N ASP A 227 -6.25 -28.78 -0.02
CA ASP A 227 -5.44 -29.64 -0.87
C ASP A 227 -5.16 -29.02 -2.23
N ILE A 228 -6.19 -28.44 -2.85
CA ILE A 228 -6.03 -27.76 -4.12
C ILE A 228 -5.26 -26.45 -3.96
N ARG A 229 -5.58 -25.69 -2.93
CA ARG A 229 -4.84 -24.46 -2.63
C ARG A 229 -3.35 -24.76 -2.45
N ASP A 230 -3.06 -25.79 -1.65
CA ASP A 230 -1.68 -26.18 -1.39
C ASP A 230 -0.92 -26.55 -2.65
N ARG A 231 -1.60 -27.25 -3.57
CA ARG A 231 -0.97 -27.67 -4.81
C ARG A 231 -0.64 -26.51 -5.74
N LEU A 232 -1.54 -25.53 -5.82
CA LEU A 232 -1.32 -24.36 -6.65
C LEU A 232 -0.19 -23.47 -6.09
N LYS A 233 -0.13 -23.34 -4.77
CA LYS A 233 0.95 -22.57 -4.15
C LYS A 233 2.30 -23.27 -4.31
N ALA A 234 2.28 -24.61 -4.38
CA ALA A 234 3.50 -25.37 -4.59
C ALA A 234 4.03 -25.17 -6.01
N TYR A 235 3.12 -25.11 -6.98
CA TYR A 235 3.48 -24.78 -8.35
C TYR A 235 4.17 -23.41 -8.39
N ALA A 236 3.53 -22.42 -7.78
CA ALA A 236 4.11 -21.08 -7.71
C ALA A 236 5.49 -21.09 -7.06
N ARG A 237 5.61 -21.82 -5.95
CA ARG A 237 6.86 -21.95 -5.23
C ARG A 237 7.96 -22.47 -6.16
N ASP A 238 7.64 -23.53 -6.88
CA ASP A 238 8.63 -24.18 -7.72
C ASP A 238 9.01 -23.39 -8.99
N ILE A 239 8.04 -22.78 -9.68
CA ILE A 239 8.41 -21.97 -10.85
C ILE A 239 9.12 -20.68 -10.45
N GLY A 240 8.78 -20.14 -9.29
CA GLY A 240 9.46 -18.95 -8.80
C GLY A 240 10.95 -19.21 -8.61
N LEU A 241 11.25 -20.35 -8.01
CA LEU A 241 12.64 -20.71 -7.77
C LEU A 241 13.37 -21.00 -9.08
N ALA A 242 12.72 -21.74 -9.97
CA ALA A 242 13.29 -22.02 -11.28
C ALA A 242 13.62 -20.74 -12.04
N PHE A 243 12.68 -19.78 -11.97
CA PHE A 243 12.85 -18.45 -12.56
C PHE A 243 14.12 -17.76 -12.06
N GLN A 244 14.31 -17.76 -10.75
CA GLN A 244 15.46 -17.06 -10.17
C GLN A 244 16.77 -17.77 -10.49
N ILE A 245 16.74 -19.09 -10.50
CA ILE A 245 17.93 -19.86 -10.85
C ILE A 245 18.31 -19.54 -12.29
N ALA A 246 17.32 -19.57 -13.18
CA ALA A 246 17.53 -19.21 -14.59
C ALA A 246 18.10 -17.80 -14.72
N ASP A 247 17.57 -16.86 -13.93
CA ASP A 247 18.06 -15.49 -13.98
CA ASP A 247 18.04 -15.48 -13.95
C ASP A 247 19.49 -15.40 -13.47
N ASP A 248 19.79 -16.13 -12.41
CA ASP A 248 21.14 -16.17 -11.85
C ASP A 248 22.13 -16.79 -12.85
N LEU A 249 21.61 -17.50 -13.84
CA LEU A 249 22.42 -18.07 -14.90
C LEU A 249 22.57 -17.08 -16.06
N ILE A 250 21.47 -16.41 -16.40
CA ILE A 250 21.47 -15.42 -17.48
C ILE A 250 22.37 -14.23 -17.14
N ASP A 251 22.26 -13.75 -15.90
CA ASP A 251 23.11 -12.67 -15.40
C ASP A 251 24.59 -12.95 -15.62
N ALA A 252 24.92 -14.23 -15.79
CA ALA A 252 26.29 -14.63 -16.11
C ALA A 252 26.30 -15.57 -17.32
N GLY A 270 28.99 -10.08 -6.41
CA GLY A 270 29.79 -10.46 -5.26
C GLY A 270 28.97 -11.18 -4.20
N LYS A 271 27.69 -10.84 -4.12
CA LYS A 271 26.80 -11.51 -3.19
C LYS A 271 26.56 -12.94 -3.67
N ALA A 272 26.20 -13.81 -2.73
CA ALA A 272 25.93 -15.21 -3.05
C ALA A 272 24.71 -15.34 -3.95
N THR A 273 24.78 -16.25 -4.92
CA THR A 273 23.67 -16.52 -5.82
C THR A 273 23.51 -18.03 -5.92
N PHE A 274 22.43 -18.48 -6.56
CA PHE A 274 22.25 -19.91 -6.78
C PHE A 274 23.37 -20.46 -7.67
N LEU A 275 23.87 -19.63 -8.56
CA LEU A 275 24.99 -20.03 -9.41
C LEU A 275 26.25 -20.19 -8.57
N SER A 276 26.53 -19.20 -7.73
CA SER A 276 27.75 -19.23 -6.92
C SER A 276 27.72 -20.37 -5.90
N LEU A 277 26.53 -20.67 -5.38
CA LEU A 277 26.39 -21.69 -4.34
C LEU A 277 26.24 -23.11 -4.88
N LEU A 278 25.49 -23.26 -5.97
CA LEU A 278 25.24 -24.59 -6.55
C LEU A 278 26.28 -24.97 -7.60
N GLY A 279 26.85 -23.98 -8.26
CA GLY A 279 27.67 -24.23 -9.43
C GLY A 279 26.78 -24.35 -10.66
N LEU A 280 27.38 -24.19 -11.84
CA LEU A 280 26.61 -24.12 -13.07
C LEU A 280 25.79 -25.38 -13.36
N GLU A 281 26.42 -26.54 -13.21
CA GLU A 281 25.81 -27.81 -13.56
C GLU A 281 24.56 -28.11 -12.73
N LYS A 282 24.71 -28.02 -11.40
CA LYS A 282 23.61 -28.31 -10.50
C LYS A 282 22.50 -27.26 -10.58
N ALA A 283 22.88 -26.02 -10.83
CA ALA A 283 21.88 -24.95 -10.98
C ALA A 283 20.98 -25.22 -12.18
N ARG A 284 21.60 -25.60 -13.30
CA ARG A 284 20.84 -25.95 -14.49
C ARG A 284 19.91 -27.13 -14.24
N SER A 285 20.47 -28.18 -13.66
CA SER A 285 19.68 -29.38 -13.40
C SER A 285 18.58 -29.11 -12.36
N GLN A 286 18.87 -28.29 -11.36
CA GLN A 286 17.86 -27.99 -10.36
C GLN A 286 16.73 -27.13 -10.92
N ALA A 287 17.05 -26.20 -11.81
CA ALA A 287 16.02 -25.40 -12.45
C ALA A 287 15.08 -26.28 -13.29
N GLN A 288 15.66 -27.24 -14.00
CA GLN A 288 14.86 -28.16 -14.79
C GLN A 288 14.00 -29.06 -13.91
N ALA A 289 14.58 -29.54 -12.81
CA ALA A 289 13.86 -30.37 -11.85
C ALA A 289 12.66 -29.63 -11.25
N LEU A 290 12.86 -28.34 -10.94
CA LEU A 290 11.80 -27.54 -10.37
C LEU A 290 10.64 -27.35 -11.34
N VAL A 291 10.96 -27.21 -12.61
CA VAL A 291 9.93 -27.11 -13.65
C VAL A 291 9.11 -28.40 -13.72
N ASP A 292 9.80 -29.55 -13.72
CA ASP A 292 9.11 -30.84 -13.69
C ASP A 292 8.23 -30.95 -12.45
N GLN A 293 8.77 -30.54 -11.31
CA GLN A 293 8.03 -30.58 -10.05
C GLN A 293 6.77 -29.72 -10.10
N ALA A 294 6.93 -28.48 -10.55
CA ALA A 294 5.82 -27.54 -10.68
C ALA A 294 4.69 -28.15 -11.49
N ILE A 295 5.03 -28.76 -12.62
CA ILE A 295 4.06 -29.43 -13.46
C ILE A 295 3.42 -30.60 -12.73
N ALA A 296 4.23 -31.34 -11.97
CA ALA A 296 3.76 -32.51 -11.24
C ALA A 296 2.69 -32.16 -10.21
N HIS A 297 2.81 -30.98 -9.60
CA HIS A 297 1.82 -30.52 -8.63
C HIS A 297 0.43 -30.40 -9.24
N LEU A 298 0.39 -30.21 -10.56
CA LEU A 298 -0.87 -30.03 -11.27
C LEU A 298 -1.44 -31.35 -11.77
N SER A 299 -0.87 -32.46 -11.32
CA SER A 299 -1.25 -33.78 -11.84
C SER A 299 -2.67 -34.22 -11.48
N VAL A 300 -3.22 -33.69 -10.39
CA VAL A 300 -4.58 -34.05 -10.01
C VAL A 300 -5.61 -33.37 -10.91
N PHE A 301 -5.14 -32.46 -11.75
CA PHE A 301 -6.01 -31.80 -12.70
C PHE A 301 -6.02 -32.52 -14.02
N GLY A 302 -7.11 -32.33 -14.75
CA GLY A 302 -7.17 -32.79 -16.13
C GLY A 302 -6.54 -31.73 -17.03
N SER A 303 -7.03 -31.66 -18.26
CA SER A 303 -6.51 -30.72 -19.25
C SER A 303 -6.77 -29.26 -18.90
N GLU A 304 -7.63 -29.03 -17.90
CA GLU A 304 -7.93 -27.66 -17.48
C GLU A 304 -6.67 -26.95 -17.01
N ALA A 305 -5.69 -27.74 -16.56
CA ALA A 305 -4.43 -27.18 -16.03
C ALA A 305 -3.34 -27.06 -17.08
N ASP A 306 -3.72 -27.09 -18.35
CA ASP A 306 -2.73 -27.10 -19.42
C ASP A 306 -1.99 -25.79 -19.63
N TYR A 307 -2.66 -24.66 -19.41
CA TYR A 307 -2.01 -23.36 -19.54
C TYR A 307 -0.86 -23.16 -18.54
N LEU A 308 -1.09 -23.59 -17.30
CA LEU A 308 -0.07 -23.49 -16.26
C LEU A 308 1.11 -24.40 -16.57
N ARG A 309 0.83 -25.55 -17.19
N ARG A 309 0.83 -25.56 -17.18
CA ARG A 309 1.89 -26.47 -17.59
CA ARG A 309 1.89 -26.46 -17.62
C ARG A 309 2.78 -25.85 -18.66
C ARG A 309 2.79 -25.77 -18.62
N SER A 310 2.18 -25.15 -19.62
CA SER A 310 2.91 -24.49 -20.69
C SER A 310 3.75 -23.33 -20.16
N ILE A 311 3.18 -22.56 -19.24
CA ILE A 311 3.88 -21.44 -18.61
C ILE A 311 5.19 -21.90 -17.97
N ALA A 312 5.13 -23.03 -17.28
CA ALA A 312 6.31 -23.59 -16.61
C ALA A 312 7.40 -23.97 -17.62
N ARG A 313 6.99 -24.58 -18.72
CA ARG A 313 7.95 -24.93 -19.77
C ARG A 313 8.38 -23.69 -20.55
N TYR A 314 7.59 -23.34 -21.56
CA TYR A 314 7.96 -22.36 -22.58
C TYR A 314 8.21 -20.92 -22.08
N ILE A 315 8.11 -20.69 -20.78
CA ILE A 315 8.50 -19.40 -20.22
C ILE A 315 9.60 -19.56 -19.17
N VAL A 316 9.30 -20.31 -18.12
CA VAL A 316 10.22 -20.49 -17.01
C VAL A 316 11.45 -21.31 -17.42
N ALA A 317 11.23 -22.41 -18.14
CA ALA A 317 12.33 -23.30 -18.51
C ALA A 317 13.29 -22.65 -19.49
N MET B 23 -13.76 18.74 29.94
CA MET B 23 -13.79 18.04 28.66
C MET B 23 -12.35 17.87 28.15
N ALA B 24 -11.56 18.92 28.31
CA ALA B 24 -10.15 18.90 27.94
C ALA B 24 -9.36 17.98 28.87
N VAL B 25 -9.87 17.80 30.09
CA VAL B 25 -9.22 16.93 31.08
C VAL B 25 -9.39 15.47 30.71
N ASN B 26 -10.60 15.09 30.33
CA ASN B 26 -10.85 13.74 29.87
C ASN B 26 -10.18 13.50 28.52
N LEU B 27 -10.12 14.55 27.69
CA LEU B 27 -9.45 14.45 26.39
C LEU B 27 -7.98 14.10 26.55
N LYS B 28 -7.29 14.83 27.44
CA LYS B 28 -5.88 14.56 27.69
C LYS B 28 -5.67 13.12 28.14
N THR B 29 -6.56 12.65 29.02
CA THR B 29 -6.49 11.29 29.53
C THR B 29 -6.67 10.28 28.39
N MET B 30 -7.69 10.50 27.56
CA MET B 30 -7.91 9.61 26.42
C MET B 30 -6.70 9.61 25.49
N MET B 31 -6.10 10.77 25.28
CA MET B 31 -4.94 10.89 24.40
C MET B 31 -3.76 10.07 24.88
N GLU B 32 -3.45 10.19 26.17
CA GLU B 32 -2.35 9.42 26.77
C GLU B 32 -2.63 7.92 26.71
N GLN B 33 -3.88 7.55 26.90
CA GLN B 33 -4.28 6.14 26.82
C GLN B 33 -4.16 5.59 25.40
N VAL B 34 -4.70 6.33 24.44
CA VAL B 34 -4.62 5.94 23.04
C VAL B 34 -3.16 5.81 22.60
N ALA B 35 -2.33 6.76 23.02
CA ALA B 35 -0.90 6.72 22.71
C ALA B 35 -0.25 5.43 23.22
N GLN B 36 -0.56 5.05 24.45
CA GLN B 36 0.00 3.84 25.05
C GLN B 36 -0.50 2.59 24.33
N ASP B 37 -1.79 2.58 24.00
CA ASP B 37 -2.39 1.44 23.33
C ASP B 37 -1.83 1.25 21.92
N ILE B 38 -1.65 2.35 21.20
CA ILE B 38 -1.13 2.28 19.83
C ILE B 38 0.32 1.81 19.84
N ASP B 39 1.10 2.24 20.83
CA ASP B 39 2.47 1.73 20.99
C ASP B 39 2.50 0.23 21.26
N ARG B 40 1.64 -0.23 22.17
CA ARG B 40 1.50 -1.65 22.45
C ARG B 40 1.14 -2.44 21.20
N LEU B 41 0.17 -1.92 20.44
CA LEU B 41 -0.34 -2.64 19.28
C LEU B 41 0.70 -2.75 18.15
N PHE B 42 1.43 -1.66 17.90
CA PHE B 42 2.47 -1.70 16.89
C PHE B 42 3.58 -2.66 17.28
N ALA B 43 3.96 -2.63 18.57
CA ALA B 43 5.03 -3.48 19.07
C ALA B 43 4.67 -4.95 18.85
N GLU B 44 3.42 -5.30 19.11
CA GLU B 44 2.94 -6.66 18.96
C GLU B 44 2.82 -7.06 17.49
N GLN B 45 2.52 -6.09 16.64
CA GLN B 45 2.34 -6.33 15.21
C GLN B 45 3.67 -6.47 14.49
N LEU B 46 4.75 -6.03 15.13
CA LEU B 46 6.04 -5.95 14.45
C LEU B 46 7.17 -6.71 15.17
N PRO B 47 7.03 -8.02 15.33
CA PRO B 47 8.14 -8.77 15.95
C PRO B 47 9.38 -8.68 15.07
N VAL B 48 10.55 -8.53 15.69
CA VAL B 48 11.80 -8.37 14.97
C VAL B 48 12.41 -9.71 14.59
N PRO B 49 12.51 -10.00 13.29
CA PRO B 49 13.11 -11.27 12.88
C PRO B 49 14.62 -11.26 13.01
N GLU B 50 15.22 -12.44 13.10
CA GLU B 50 16.67 -12.55 13.13
C GLU B 50 17.23 -12.84 11.74
N ASP B 51 16.33 -13.10 10.79
CA ASP B 51 16.75 -13.22 9.38
C ASP B 51 17.07 -11.80 8.87
N PRO B 52 17.59 -11.68 7.63
CA PRO B 52 18.02 -10.33 7.23
C PRO B 52 16.93 -9.27 7.07
N ARG B 53 15.68 -9.59 7.36
CA ARG B 53 14.64 -8.56 7.40
C ARG B 53 14.71 -7.74 8.69
N ARG B 54 15.70 -8.03 9.52
CA ARG B 54 15.82 -7.36 10.82
C ARG B 54 15.74 -5.84 10.70
N ARG B 55 16.56 -5.28 9.82
CA ARG B 55 16.68 -3.83 9.69
C ARG B 55 15.36 -3.21 9.23
N LEU B 56 14.71 -3.85 8.27
CA LEU B 56 13.43 -3.37 7.79
C LEU B 56 12.42 -3.22 8.93
N VAL B 57 12.25 -4.28 9.70
CA VAL B 57 11.26 -4.26 10.78
C VAL B 57 11.69 -3.30 11.89
N GLU B 58 12.99 -3.20 12.16
CA GLU B 58 13.44 -2.23 13.16
C GLU B 58 13.18 -0.80 12.69
N ALA B 59 13.28 -0.57 11.38
CA ALA B 59 12.94 0.73 10.80
C ALA B 59 11.44 1.02 10.92
N MET B 60 10.63 0.01 10.66
CA MET B 60 9.18 0.14 10.80
C MET B 60 8.82 0.49 12.24
N ARG B 61 9.45 -0.22 13.19
CA ARG B 61 9.18 0.01 14.60
C ARG B 61 9.65 1.39 15.03
N TYR B 62 10.83 1.79 14.57
CA TYR B 62 11.36 3.10 14.89
C TYR B 62 10.41 4.21 14.46
N ALA B 63 9.83 4.06 13.28
CA ALA B 63 8.92 5.08 12.74
C ALA B 63 7.57 5.04 13.44
N ALA B 64 7.05 3.83 13.65
CA ALA B 64 5.67 3.67 14.14
C ALA B 64 5.51 3.77 15.65
N ILE B 65 6.55 3.37 16.40
CA ILE B 65 6.46 3.32 17.85
C ILE B 65 7.05 4.56 18.51
N GLY B 66 6.36 5.06 19.53
CA GLY B 66 6.83 6.21 20.29
C GLY B 66 6.74 7.47 19.47
N GLY B 67 5.53 7.78 19.03
CA GLY B 67 5.29 8.94 18.18
C GLY B 67 5.47 10.26 18.89
N GLY B 68 4.52 11.18 18.68
CA GLY B 68 3.35 10.88 17.87
C GLY B 68 2.12 11.11 18.73
N LYS B 69 1.32 12.09 18.34
CA LYS B 69 0.14 12.45 19.11
C LYS B 69 -1.02 11.50 18.83
N ARG B 70 -0.84 10.66 17.82
CA ARG B 70 -1.86 9.70 17.39
C ARG B 70 -3.21 10.37 17.19
N LEU B 71 -3.20 11.51 16.50
CA LEU B 71 -4.42 12.23 16.22
C LEU B 71 -5.41 11.35 15.45
N ARG B 72 -4.91 10.56 14.51
CA ARG B 72 -5.80 9.75 13.70
C ARG B 72 -6.40 8.55 14.45
N PRO B 73 -5.57 7.78 15.18
CA PRO B 73 -6.16 6.79 16.09
C PRO B 73 -7.15 7.41 17.08
N LEU B 74 -6.85 8.60 17.58
CA LEU B 74 -7.71 9.27 18.54
C LEU B 74 -9.09 9.56 17.93
N LEU B 75 -9.10 10.01 16.68
CA LEU B 75 -10.35 10.27 15.98
C LEU B 75 -11.17 9.00 15.77
N VAL B 76 -10.49 7.91 15.40
CA VAL B 76 -11.16 6.63 15.25
C VAL B 76 -11.81 6.21 16.57
N VAL B 77 -11.02 6.23 17.64
CA VAL B 77 -11.49 5.82 18.96
C VAL B 77 -12.66 6.70 19.41
N ALA B 78 -12.54 8.01 19.24
CA ALA B 78 -13.59 8.94 19.66
C ALA B 78 -14.86 8.83 18.82
N THR B 79 -14.72 8.43 17.56
CA THR B 79 -15.89 8.27 16.71
C THR B 79 -16.57 6.93 17.01
N CYS B 80 -15.79 5.86 17.16
CA CYS B 80 -16.36 4.57 17.52
C CYS B 80 -17.09 4.63 18.86
N ALA B 81 -16.63 5.53 19.74
CA ALA B 81 -17.25 5.73 21.03
C ALA B 81 -18.68 6.24 20.95
N LEU B 82 -19.05 6.83 19.80
CA LEU B 82 -20.42 7.32 19.61
C LEU B 82 -21.41 6.18 19.60
N PHE B 83 -20.93 5.02 19.14
CA PHE B 83 -21.80 3.87 18.95
C PHE B 83 -21.29 2.77 19.87
N ASN B 84 -21.78 1.56 19.73
CA ASN B 84 -21.28 0.52 20.65
C ASN B 84 -20.25 -0.35 19.98
N VAL B 85 -19.09 0.23 19.69
CA VAL B 85 -18.02 -0.49 19.03
C VAL B 85 -17.02 -1.01 20.04
N ASP B 86 -16.64 -2.28 19.88
CA ASP B 86 -15.59 -2.89 20.69
C ASP B 86 -14.35 -2.02 20.70
N ARG B 87 -13.88 -1.66 21.89
CA ARG B 87 -12.79 -0.70 22.02
C ARG B 87 -11.46 -1.17 21.43
N GLU B 88 -11.13 -2.44 21.60
CA GLU B 88 -9.89 -2.96 21.06
C GLU B 88 -9.93 -2.99 19.52
N ALA B 89 -11.09 -3.34 18.97
CA ALA B 89 -11.29 -3.32 17.53
C ALA B 89 -11.09 -1.92 16.98
N ALA B 90 -11.72 -0.94 17.63
CA ALA B 90 -11.56 0.47 17.25
C ALA B 90 -10.08 0.87 17.26
N LEU B 91 -9.36 0.45 18.30
CA LEU B 91 -7.93 0.73 18.38
C LEU B 91 -7.14 0.11 17.23
N ARG B 92 -7.52 -1.10 16.80
CA ARG B 92 -6.82 -1.76 15.69
C ARG B 92 -7.06 -1.02 14.37
N VAL B 93 -8.26 -0.50 14.19
CA VAL B 93 -8.54 0.34 13.03
C VAL B 93 -7.70 1.62 13.15
N GLY B 94 -7.57 2.12 14.37
CA GLY B 94 -6.67 3.24 14.63
C GLY B 94 -5.25 2.90 14.21
N MET B 95 -4.78 1.70 14.55
CA MET B 95 -3.43 1.30 14.12
C MET B 95 -3.32 1.31 12.59
N ALA B 96 -4.34 0.79 11.93
CA ALA B 96 -4.34 0.72 10.47
C ALA B 96 -4.20 2.10 9.81
N ILE B 97 -4.96 3.09 10.28
CA ILE B 97 -4.86 4.42 9.68
C ILE B 97 -3.51 5.04 10.02
N GLU B 98 -3.01 4.71 11.20
CA GLU B 98 -1.71 5.23 11.63
C GLU B 98 -0.58 4.63 10.79
N CYS B 99 -0.79 3.41 10.28
CA CYS B 99 0.16 2.84 9.33
C CYS B 99 0.32 3.72 8.10
N ILE B 100 -0.80 4.17 7.56
CA ILE B 100 -0.79 5.03 6.37
C ILE B 100 -0.16 6.38 6.69
N HIS B 101 -0.53 6.97 7.82
CA HIS B 101 0.02 8.25 8.22
C HIS B 101 1.53 8.16 8.42
N VAL B 102 1.97 7.14 9.16
CA VAL B 102 3.39 6.99 9.46
C VAL B 102 4.20 6.72 8.19
N TYR B 103 3.72 5.81 7.34
CA TYR B 103 4.45 5.55 6.09
C TYR B 103 4.55 6.85 5.28
N SER B 104 3.50 7.66 5.29
CA SER B 104 3.51 8.89 4.50
C SER B 104 4.57 9.86 4.97
N LEU B 105 4.79 9.91 6.28
CA LEU B 105 5.82 10.76 6.87
C LEU B 105 7.21 10.25 6.50
N ILE B 106 7.37 8.94 6.54
CA ILE B 106 8.66 8.33 6.17
C ILE B 106 9.05 8.72 4.75
N HIS B 107 8.11 8.54 3.82
CA HIS B 107 8.39 8.87 2.43
C HIS B 107 8.50 10.39 2.21
N ASP B 108 7.77 11.17 2.99
CA ASP B 108 7.81 12.63 2.85
C ASP B 108 9.13 13.24 3.35
N ASP B 109 9.75 12.61 4.35
CA ASP B 109 10.96 13.15 4.95
C ASP B 109 12.20 12.92 4.08
N MET B 110 12.12 11.96 3.16
CA MET B 110 13.27 11.57 2.34
C MET B 110 13.85 12.73 1.52
N PRO B 111 15.16 12.66 1.19
CA PRO B 111 15.86 13.71 0.44
C PRO B 111 15.15 14.10 -0.86
N CYS B 112 14.51 13.13 -1.49
CA CYS B 112 13.76 13.38 -2.72
C CYS B 112 12.63 14.36 -2.46
N MET B 113 12.10 14.33 -1.25
CA MET B 113 10.93 15.14 -0.91
C MET B 113 11.32 16.37 -0.07
N ASP B 114 11.08 16.31 1.24
CA ASP B 114 11.32 17.47 2.10
C ASP B 114 12.69 17.47 2.80
N ASN B 115 13.44 16.37 2.66
CA ASN B 115 14.81 16.24 3.16
C ASN B 115 15.00 16.41 4.68
N ASP B 116 13.89 16.41 5.41
CA ASP B 116 13.93 16.61 6.87
C ASP B 116 14.81 15.56 7.56
N ASP B 117 15.82 16.04 8.30
CA ASP B 117 16.69 15.15 9.06
C ASP B 117 16.10 14.90 10.44
N LEU B 118 15.05 15.65 10.77
CA LEU B 118 14.46 15.63 12.10
C LEU B 118 12.95 15.77 12.04
N ARG B 119 12.25 15.14 12.98
CA ARG B 119 10.82 15.31 13.12
C ARG B 119 10.44 15.25 14.60
N ARG B 120 10.27 16.42 15.20
CA ARG B 120 9.98 16.55 16.63
C ARG B 120 11.07 15.93 17.51
N GLY B 121 12.31 16.37 17.30
CA GLY B 121 13.44 15.89 18.08
C GLY B 121 13.94 14.52 17.66
N LYS B 122 13.16 13.87 16.82
CA LYS B 122 13.42 12.50 16.40
C LYS B 122 14.02 12.47 15.00
N PRO B 123 15.25 11.94 14.87
CA PRO B 123 15.83 11.84 13.53
C PRO B 123 14.95 10.96 12.65
N THR B 124 14.85 11.33 11.38
CA THR B 124 14.01 10.60 10.45
C THR B 124 14.61 9.24 10.10
N VAL B 125 13.78 8.38 9.50
CA VAL B 125 14.21 7.01 9.21
C VAL B 125 15.43 6.96 8.28
N HIS B 126 15.44 7.79 7.25
CA HIS B 126 16.55 7.78 6.30
C HIS B 126 17.85 8.25 6.96
N LYS B 127 17.72 8.99 8.06
CA LYS B 127 18.89 9.44 8.81
C LYS B 127 19.38 8.40 9.82
N ALA B 128 18.46 7.87 10.62
CA ALA B 128 18.79 6.86 11.61
C ALA B 128 19.18 5.54 10.93
N PHE B 129 18.60 5.31 9.76
CA PHE B 129 18.89 4.08 9.01
C PHE B 129 19.62 4.45 7.71
N ASP B 130 18.87 4.48 6.61
CA ASP B 130 19.40 4.92 5.32
C ASP B 130 18.23 5.12 4.37
N ASP B 131 18.50 5.67 3.18
CA ASP B 131 17.44 6.02 2.24
C ASP B 131 16.64 4.80 1.80
N ALA B 132 17.34 3.72 1.45
CA ALA B 132 16.64 2.52 1.00
C ALA B 132 15.73 1.95 2.07
N SER B 133 16.20 1.97 3.32
CA SER B 133 15.38 1.46 4.41
C SER B 133 14.13 2.32 4.62
N ALA B 134 14.23 3.62 4.36
CA ALA B 134 13.08 4.48 4.48
C ALA B 134 12.06 4.17 3.39
N VAL B 135 12.54 3.95 2.17
CA VAL B 135 11.64 3.58 1.09
C VAL B 135 10.87 2.29 1.44
N LEU B 136 11.62 1.25 1.84
CA LEU B 136 11.03 -0.07 2.11
C LEU B 136 10.15 -0.10 3.36
N SER B 137 10.60 0.53 4.45
CA SER B 137 9.80 0.52 5.67
C SER B 137 8.45 1.20 5.43
N GLY B 138 8.46 2.29 4.66
CA GLY B 138 7.21 2.94 4.28
C GLY B 138 6.36 2.01 3.42
N ASP B 139 6.99 1.37 2.44
CA ASP B 139 6.27 0.45 1.55
C ASP B 139 5.58 -0.68 2.34
N ALA B 140 6.30 -1.22 3.33
CA ALA B 140 5.78 -2.34 4.10
C ALA B 140 4.65 -1.89 5.03
N LEU B 141 4.77 -0.65 5.54
CA LEU B 141 3.73 -0.13 6.42
C LEU B 141 2.42 0.09 5.68
N GLN B 142 2.48 0.52 4.42
CA GLN B 142 1.24 0.68 3.68
C GLN B 142 0.54 -0.67 3.51
N ALA B 143 1.30 -1.69 3.14
CA ALA B 143 0.73 -3.03 3.01
C ALA B 143 0.14 -3.49 4.35
N LEU B 144 0.84 -3.18 5.44
CA LEU B 144 0.42 -3.62 6.77
C LEU B 144 -0.96 -3.07 7.15
N ALA B 145 -1.25 -1.83 6.73
CA ALA B 145 -2.54 -1.22 7.03
C ALA B 145 -3.69 -2.10 6.54
N PHE B 146 -3.52 -2.64 5.34
CA PHE B 146 -4.59 -3.42 4.72
C PHE B 146 -4.66 -4.83 5.30
N GLU B 147 -3.51 -5.38 5.65
CA GLU B 147 -3.49 -6.66 6.37
C GLU B 147 -4.26 -6.55 7.68
N ILE B 148 -4.04 -5.47 8.41
CA ILE B 148 -4.71 -5.26 9.70
C ILE B 148 -6.23 -5.18 9.53
N LEU B 149 -6.68 -4.40 8.56
CA LEU B 149 -8.12 -4.21 8.34
C LEU B 149 -8.82 -5.49 7.88
N SER B 150 -8.07 -6.40 7.27
CA SER B 150 -8.66 -7.60 6.70
C SER B 150 -9.02 -8.64 7.76
N GLU B 151 -8.35 -8.58 8.92
CA GLU B 151 -8.50 -9.61 9.95
C GLU B 151 -9.83 -9.60 10.69
N GLU B 152 -10.28 -10.78 11.11
CA GLU B 152 -11.54 -10.93 11.81
C GLU B 152 -11.61 -10.17 13.14
N LYS B 153 -10.45 -10.01 13.78
CA LYS B 153 -10.32 -9.19 14.99
C LYS B 153 -11.01 -7.83 14.87
N ILE B 154 -11.08 -7.31 13.65
CA ILE B 154 -11.65 -5.99 13.38
C ILE B 154 -13.15 -5.98 13.53
N HIS B 155 -13.82 -6.88 12.81
CA HIS B 155 -15.27 -7.02 12.91
C HIS B 155 -15.69 -8.34 12.32
N THR B 156 -16.61 -9.03 12.99
CA THR B 156 -17.09 -10.33 12.51
C THR B 156 -17.79 -10.19 11.17
N ASP B 157 -18.51 -9.07 10.99
CA ASP B 157 -19.18 -8.78 9.72
C ASP B 157 -18.16 -8.47 8.65
N PRO B 158 -18.13 -9.29 7.59
CA PRO B 158 -17.19 -9.12 6.47
C PRO B 158 -17.42 -7.82 5.68
N HIS B 159 -18.66 -7.34 5.65
CA HIS B 159 -18.95 -6.11 4.92
C HIS B 159 -18.36 -4.90 5.63
N VAL B 160 -18.30 -4.95 6.96
CA VAL B 160 -17.67 -3.88 7.72
C VAL B 160 -16.21 -3.77 7.29
N ARG B 161 -15.52 -4.91 7.28
CA ARG B 161 -14.10 -4.95 6.92
C ARG B 161 -13.85 -4.49 5.49
N LEU B 162 -14.67 -4.96 4.55
CA LEU B 162 -14.56 -4.53 3.16
C LEU B 162 -14.80 -3.03 2.98
N GLU B 163 -15.81 -2.50 3.67
CA GLU B 163 -16.09 -1.07 3.60
C GLU B 163 -14.91 -0.26 4.11
N LEU B 164 -14.28 -0.73 5.19
CA LEU B 164 -13.11 -0.06 5.74
C LEU B 164 -11.96 -0.09 4.74
N ILE B 165 -11.71 -1.27 4.18
CA ILE B 165 -10.64 -1.44 3.20
C ILE B 165 -10.83 -0.58 1.96
N GLN B 166 -12.03 -0.60 1.38
CA GLN B 166 -12.29 0.27 0.23
C GLN B 166 -12.09 1.74 0.57
N ALA B 167 -12.63 2.16 1.70
CA ALA B 167 -12.50 3.55 2.14
C ALA B 167 -11.04 3.92 2.37
N LEU B 168 -10.28 3.04 3.00
CA LEU B 168 -8.86 3.34 3.22
C LEU B 168 -8.07 3.45 1.91
N ALA B 169 -8.32 2.55 0.96
CA ALA B 169 -7.57 2.55 -0.29
C ALA B 169 -7.84 3.81 -1.10
N ILE B 170 -9.09 4.23 -1.11
CA ILE B 170 -9.46 5.48 -1.77
C ILE B 170 -8.84 6.67 -1.05
N ALA B 171 -8.91 6.67 0.28
CA ALA B 171 -8.35 7.77 1.08
C ALA B 171 -6.82 7.87 0.99
N SER B 172 -6.18 6.76 0.63
CA SER B 172 -4.72 6.70 0.67
C SER B 172 -4.02 6.98 -0.66
N GLY B 173 -4.74 6.77 -1.77
CA GLY B 173 -4.10 6.73 -3.08
C GLY B 173 -4.18 8.02 -3.88
N LYS B 174 -4.25 7.88 -5.20
CA LYS B 174 -4.26 9.03 -6.12
C LYS B 174 -5.46 9.95 -5.91
N ASP B 175 -6.54 9.41 -5.35
CA ASP B 175 -7.75 10.20 -5.08
C ASP B 175 -7.84 10.54 -3.59
N GLY B 176 -6.73 10.40 -2.90
CA GLY B 176 -6.65 10.75 -1.50
C GLY B 176 -5.29 11.32 -1.14
N MET B 177 -4.71 10.78 -0.07
N MET B 177 -4.71 10.78 -0.07
CA MET B 177 -3.47 11.30 0.49
CA MET B 177 -3.47 11.28 0.50
C MET B 177 -2.31 11.49 -0.51
C MET B 177 -2.34 11.50 -0.51
N VAL B 178 -2.01 10.46 -1.29
CA VAL B 178 -0.92 10.56 -2.26
C VAL B 178 -1.23 11.59 -3.34
N GLY B 179 -2.50 11.63 -3.77
CA GLY B 179 -2.92 12.67 -4.68
C GLY B 179 -2.66 14.06 -4.10
N GLY B 180 -2.88 14.20 -2.81
CA GLY B 180 -2.65 15.48 -2.12
C GLY B 180 -1.18 15.80 -2.08
N GLN B 181 -0.36 14.81 -1.76
N GLN B 181 -0.37 14.79 -1.75
CA GLN B 181 1.08 15.03 -1.73
CA GLN B 181 1.08 14.91 -1.73
C GLN B 181 1.62 15.41 -3.11
C GLN B 181 1.60 15.38 -3.09
N ALA B 182 0.98 14.88 -4.15
CA ALA B 182 1.37 15.22 -5.51
C ALA B 182 1.06 16.68 -5.83
N ILE B 183 -0.11 17.15 -5.42
CA ILE B 183 -0.46 18.56 -5.65
C ILE B 183 0.52 19.47 -4.92
N ASP B 184 0.89 19.08 -3.70
CA ASP B 184 1.86 19.86 -2.93
C ASP B 184 3.22 19.89 -3.65
N LEU B 185 3.65 18.73 -4.10
CA LEU B 185 4.89 18.64 -4.88
C LEU B 185 4.83 19.50 -6.15
N ALA B 186 3.69 19.49 -6.82
CA ALA B 186 3.50 20.34 -8.00
C ALA B 186 3.63 21.82 -7.65
N ALA B 187 3.07 22.21 -6.51
CA ALA B 187 3.16 23.60 -6.06
C ALA B 187 4.60 24.00 -5.81
N GLU B 188 5.35 23.10 -5.19
CA GLU B 188 6.72 23.40 -4.79
C GLU B 188 7.67 23.47 -5.97
N THR B 189 7.32 22.79 -7.06
CA THR B 189 8.18 22.74 -8.23
C THR B 189 7.64 23.55 -9.40
N SER B 190 6.72 24.47 -9.11
CA SER B 190 6.22 25.40 -10.11
C SER B 190 6.38 26.84 -9.66
N THR B 191 6.51 27.75 -10.64
CA THR B 191 6.64 29.18 -10.34
C THR B 191 5.28 29.88 -10.36
N VAL B 192 4.22 29.13 -10.64
CA VAL B 192 2.88 29.70 -10.71
C VAL B 192 2.18 29.45 -9.39
N PRO B 193 1.84 30.53 -8.66
CA PRO B 193 1.16 30.40 -7.36
C PRO B 193 -0.23 29.80 -7.51
N PHE B 194 -0.56 28.83 -6.67
CA PHE B 194 -1.88 28.20 -6.75
C PHE B 194 -2.95 29.16 -6.22
N ASP B 195 -4.20 28.90 -6.56
CA ASP B 195 -5.31 29.73 -6.10
C ASP B 195 -6.05 29.06 -4.94
N LEU B 196 -7.05 29.74 -4.43
CA LEU B 196 -7.82 29.21 -3.29
C LEU B 196 -8.51 27.85 -3.58
N PRO B 197 -9.21 27.71 -4.72
CA PRO B 197 -9.77 26.40 -5.06
C PRO B 197 -8.74 25.25 -5.09
N THR B 198 -7.53 25.51 -5.59
CA THR B 198 -6.54 24.45 -5.73
C THR B 198 -5.93 24.04 -4.38
N ILE B 199 -5.62 25.01 -3.54
CA ILE B 199 -5.04 24.65 -2.25
C ILE B 199 -6.11 24.08 -1.32
N THR B 200 -7.37 24.37 -1.64
CA THR B 200 -8.47 23.76 -0.92
C THR B 200 -8.54 22.27 -1.29
N ARG B 201 -8.45 21.97 -2.58
CA ARG B 201 -8.41 20.58 -3.01
C ARG B 201 -7.17 19.91 -2.45
N LEU B 202 -6.06 20.64 -2.45
CA LEU B 202 -4.83 20.11 -1.87
C LEU B 202 -5.03 19.63 -0.43
N GLN B 203 -5.61 20.47 0.41
CA GLN B 203 -5.87 20.09 1.80
C GLN B 203 -6.83 18.90 1.88
N GLN B 204 -7.94 18.97 1.15
CA GLN B 204 -8.94 17.90 1.17
C GLN B 204 -8.29 16.53 0.92
N LEU B 205 -7.32 16.48 0.02
CA LEU B 205 -6.64 15.24 -0.30
C LEU B 205 -5.47 14.93 0.65
N LYS B 206 -4.58 15.90 0.84
CA LYS B 206 -3.34 15.67 1.58
C LYS B 206 -3.53 15.30 3.04
N THR B 207 -4.48 15.94 3.70
CA THR B 207 -4.78 15.62 5.10
C THR B 207 -6.26 15.27 5.33
N GLY B 208 -7.15 15.87 4.54
CA GLY B 208 -8.58 15.63 4.66
C GLY B 208 -9.00 14.18 4.42
N ALA B 209 -8.31 13.51 3.49
CA ALA B 209 -8.67 12.14 3.14
C ALA B 209 -8.51 11.19 4.32
N LEU B 210 -7.39 11.27 5.03
CA LEU B 210 -7.19 10.39 6.19
C LEU B 210 -8.12 10.74 7.34
N PHE B 211 -8.36 12.03 7.56
CA PHE B 211 -9.30 12.46 8.59
C PHE B 211 -10.69 11.94 8.25
N GLY B 212 -11.07 12.06 6.99
CA GLY B 212 -12.36 11.55 6.52
C GLY B 212 -12.49 10.07 6.83
N PHE B 213 -11.41 9.32 6.61
CA PHE B 213 -11.43 7.89 6.90
C PHE B 213 -11.69 7.63 8.38
N CYS B 214 -11.03 8.38 9.24
CA CYS B 214 -11.17 8.19 10.69
C CYS B 214 -12.63 8.30 11.14
N LEU B 215 -13.33 9.31 10.62
CA LEU B 215 -14.72 9.56 10.98
C LEU B 215 -15.64 8.55 10.31
N GLU B 216 -15.37 8.26 9.04
CA GLU B 216 -16.20 7.31 8.31
C GLU B 216 -16.06 5.90 8.89
N ALA B 217 -14.86 5.59 9.36
CA ALA B 217 -14.59 4.28 9.96
C ALA B 217 -15.48 4.05 11.19
N GLY B 218 -15.68 5.10 11.97
CA GLY B 218 -16.56 5.02 13.13
C GLY B 218 -17.98 4.70 12.73
N ALA B 219 -18.46 5.37 11.69
CA ALA B 219 -19.79 5.12 11.17
C ALA B 219 -19.93 3.70 10.63
N ILE B 220 -18.89 3.24 9.93
CA ILE B 220 -18.86 1.89 9.37
C ILE B 220 -18.86 0.83 10.47
N MET B 221 -17.98 1.01 11.46
CA MET B 221 -17.89 0.08 12.59
C MET B 221 -19.19 0.09 13.39
N GLY B 222 -19.92 1.20 13.34
CA GLY B 222 -21.16 1.32 14.08
C GLY B 222 -22.40 0.97 13.29
N ARG B 223 -22.21 0.48 12.06
CA ARG B 223 -23.31 0.14 11.15
C ARG B 223 -24.31 1.29 11.02
N GLN B 224 -23.81 2.51 10.87
CA GLN B 224 -24.68 3.68 10.86
C GLN B 224 -25.21 4.02 9.47
N ASN B 225 -26.35 4.73 9.43
CA ASN B 225 -26.95 5.09 8.15
C ASN B 225 -26.20 6.21 7.42
N LYS B 226 -26.64 6.51 6.21
CA LYS B 226 -25.98 7.49 5.35
C LYS B 226 -26.00 8.90 5.96
N ASP B 227 -27.12 9.27 6.56
CA ASP B 227 -27.24 10.58 7.19
C ASP B 227 -26.19 10.78 8.29
N ILE B 228 -25.98 9.75 9.10
CA ILE B 228 -24.98 9.81 10.17
C ILE B 228 -23.57 9.77 9.60
N ARG B 229 -23.36 8.96 8.57
CA ARG B 229 -22.06 8.90 7.89
CA ARG B 229 -22.05 8.91 7.93
C ARG B 229 -21.66 10.27 7.36
N ASP B 230 -22.62 10.92 6.71
CA ASP B 230 -22.39 12.23 6.12
C ASP B 230 -22.07 13.31 7.15
N ARG B 231 -22.79 13.31 8.27
CA ARG B 231 -22.49 14.24 9.36
C ARG B 231 -21.07 14.07 9.86
N LEU B 232 -20.66 12.82 10.06
CA LEU B 232 -19.31 12.52 10.53
C LEU B 232 -18.24 12.92 9.50
N LYS B 233 -18.49 12.63 8.22
CA LYS B 233 -17.53 13.04 7.20
C LYS B 233 -17.46 14.57 7.08
N ALA B 234 -18.59 15.23 7.32
CA ALA B 234 -18.62 16.69 7.31
C ALA B 234 -17.80 17.27 8.47
N TYR B 235 -17.85 16.61 9.62
CA TYR B 235 -17.02 17.01 10.75
C TYR B 235 -15.55 16.92 10.37
N ALA B 236 -15.17 15.80 9.75
CA ALA B 236 -13.79 15.59 9.35
C ALA B 236 -13.35 16.64 8.35
N ARG B 237 -14.25 16.96 7.42
CA ARG B 237 -13.95 17.94 6.38
C ARG B 237 -13.65 19.29 7.03
N ASP B 238 -14.48 19.68 8.00
CA ASP B 238 -14.33 20.98 8.65
C ASP B 238 -13.10 21.06 9.56
N ILE B 239 -12.87 20.05 10.40
CA ILE B 239 -11.66 20.07 11.23
C ILE B 239 -10.38 19.95 10.40
N GLY B 240 -10.45 19.23 9.29
CA GLY B 240 -9.29 19.10 8.42
C GLY B 240 -8.88 20.44 7.81
N LEU B 241 -9.86 21.21 7.35
CA LEU B 241 -9.55 22.52 6.80
C LEU B 241 -9.06 23.44 7.91
N ALA B 242 -9.71 23.40 9.06
CA ALA B 242 -9.30 24.23 10.20
C ALA B 242 -7.88 23.90 10.64
N PHE B 243 -7.56 22.61 10.66
CA PHE B 243 -6.23 22.11 11.03
C PHE B 243 -5.16 22.68 10.09
N GLN B 244 -5.44 22.70 8.79
CA GLN B 244 -4.48 23.23 7.83
C GLN B 244 -4.32 24.75 7.95
N ILE B 245 -5.43 25.45 8.14
CA ILE B 245 -5.38 26.88 8.33
C ILE B 245 -4.57 27.22 9.57
N ALA B 246 -4.83 26.52 10.68
CA ALA B 246 -4.07 26.70 11.90
C ALA B 246 -2.58 26.41 11.68
N ASP B 247 -2.32 25.36 10.89
CA ASP B 247 -0.93 25.02 10.55
C ASP B 247 -0.25 26.11 9.73
N ASP B 248 -0.97 26.66 8.76
CA ASP B 248 -0.46 27.78 7.97
C ASP B 248 -0.15 28.97 8.89
N LEU B 249 -0.98 29.16 9.90
CA LEU B 249 -0.77 30.22 10.88
C LEU B 249 0.45 29.96 11.76
N ILE B 250 0.48 28.79 12.40
CA ILE B 250 1.58 28.39 13.29
C ILE B 250 2.95 28.54 12.62
N ASP B 251 3.09 27.95 11.44
CA ASP B 251 4.36 27.95 10.73
C ASP B 251 4.85 29.36 10.42
N ALA B 252 3.91 30.26 10.16
CA ALA B 252 4.23 31.64 9.83
C ALA B 252 4.75 32.41 11.04
N GLU B 253 4.29 32.02 12.23
CA GLU B 253 4.69 32.71 13.46
C GLU B 253 6.15 32.43 13.82
N GLY B 254 6.72 31.41 13.19
CA GLY B 254 8.09 31.00 13.49
C GLY B 254 9.10 31.35 12.42
N ASP B 255 8.77 32.34 11.58
CA ASP B 255 9.68 32.81 10.56
C ASP B 255 10.35 34.11 10.99
N GLY B 270 7.68 30.19 -1.04
CA GLY B 270 6.72 31.21 -1.44
C GLY B 270 5.51 30.63 -2.15
N LYS B 271 5.17 29.39 -1.84
CA LYS B 271 3.96 28.80 -2.40
C LYS B 271 2.75 29.37 -1.68
N ALA B 272 1.62 29.42 -2.38
CA ALA B 272 0.39 29.94 -1.79
C ALA B 272 -0.08 29.09 -0.61
N THR B 273 -0.56 29.77 0.43
CA THR B 273 -1.16 29.10 1.58
C THR B 273 -2.49 29.76 1.89
N PHE B 274 -3.24 29.19 2.82
CA PHE B 274 -4.48 29.82 3.24
C PHE B 274 -4.20 31.20 3.84
N LEU B 275 -3.05 31.33 4.51
CA LEU B 275 -2.68 32.60 5.13
C LEU B 275 -2.36 33.65 4.07
N SER B 276 -1.54 33.26 3.09
CA SER B 276 -1.14 34.21 2.04
C SER B 276 -2.34 34.66 1.22
N LEU B 277 -3.27 33.74 0.98
CA LEU B 277 -4.43 34.04 0.14
C LEU B 277 -5.54 34.78 0.89
N LEU B 278 -5.88 34.31 2.09
CA LEU B 278 -6.99 34.89 2.84
C LEU B 278 -6.59 36.14 3.64
N GLY B 279 -5.33 36.20 4.02
CA GLY B 279 -4.87 37.25 4.91
C GLY B 279 -5.07 36.81 6.35
N LEU B 280 -4.33 37.42 7.26
CA LEU B 280 -4.33 37.03 8.67
C LEU B 280 -5.71 36.99 9.32
N GLU B 281 -6.44 38.10 9.24
CA GLU B 281 -7.74 38.21 9.91
C GLU B 281 -8.78 37.20 9.40
N LYS B 282 -8.86 37.05 8.09
CA LYS B 282 -9.85 36.14 7.49
C LYS B 282 -9.50 34.69 7.76
N ALA B 283 -8.21 34.36 7.73
CA ALA B 283 -7.76 33.00 8.04
C ALA B 283 -8.07 32.62 9.49
N ARG B 284 -7.84 33.56 10.40
CA ARG B 284 -8.13 33.35 11.81
C ARG B 284 -9.61 33.11 12.07
N SER B 285 -10.44 33.98 11.51
CA SER B 285 -11.88 33.88 11.73
C SER B 285 -12.46 32.63 11.07
N GLN B 286 -11.92 32.24 9.92
CA GLN B 286 -12.44 31.07 9.23
C GLN B 286 -12.09 29.78 9.96
N ALA B 287 -10.87 29.71 10.49
CA ALA B 287 -10.46 28.56 11.32
C ALA B 287 -11.43 28.41 12.48
N GLN B 288 -11.77 29.52 13.12
CA GLN B 288 -12.69 29.50 14.25
C GLN B 288 -14.09 29.07 13.84
N ALA B 289 -14.57 29.64 12.74
CA ALA B 289 -15.91 29.31 12.22
C ALA B 289 -16.00 27.83 11.86
N LEU B 290 -14.92 27.30 11.30
CA LEU B 290 -14.86 25.89 10.90
C LEU B 290 -14.97 24.95 12.09
N VAL B 291 -14.41 25.35 13.22
CA VAL B 291 -14.52 24.57 14.45
C VAL B 291 -15.98 24.53 14.90
N ASP B 292 -16.62 25.68 14.92
CA ASP B 292 -18.05 25.74 15.25
C ASP B 292 -18.86 24.89 14.29
N GLN B 293 -18.58 25.01 13.01
CA GLN B 293 -19.26 24.23 11.98
C GLN B 293 -19.06 22.72 12.18
N ALA B 294 -17.83 22.33 12.48
CA ALA B 294 -17.52 20.92 12.73
C ALA B 294 -18.37 20.38 13.87
N ILE B 295 -18.45 21.16 14.95
CA ILE B 295 -19.17 20.72 16.13
C ILE B 295 -20.68 20.63 15.86
N ALA B 296 -21.20 21.58 15.08
CA ALA B 296 -22.63 21.60 14.76
C ALA B 296 -23.10 20.33 14.06
N HIS B 297 -22.21 19.67 13.31
CA HIS B 297 -22.55 18.41 12.66
C HIS B 297 -22.90 17.33 13.69
N LEU B 298 -22.41 17.51 14.91
CA LEU B 298 -22.56 16.52 15.97
C LEU B 298 -23.75 16.82 16.88
N SER B 299 -24.55 17.81 16.50
CA SER B 299 -25.67 18.25 17.34
C SER B 299 -26.69 17.14 17.64
N VAL B 300 -26.71 16.11 16.81
CA VAL B 300 -27.65 15.02 17.00
C VAL B 300 -27.17 13.98 18.01
N PHE B 301 -25.93 14.12 18.48
CA PHE B 301 -25.41 13.19 19.48
C PHE B 301 -25.43 13.82 20.88
N GLY B 302 -25.55 12.97 21.88
CA GLY B 302 -25.46 13.40 23.27
C GLY B 302 -24.02 13.54 23.73
N SER B 303 -23.79 13.33 25.01
CA SER B 303 -22.47 13.53 25.59
C SER B 303 -21.40 12.58 25.05
N GLU B 304 -21.84 11.50 24.41
CA GLU B 304 -20.90 10.55 23.82
C GLU B 304 -20.01 11.19 22.75
N ALA B 305 -20.44 12.36 22.26
CA ALA B 305 -19.70 13.08 21.23
C ALA B 305 -18.77 14.14 21.80
N ASP B 306 -18.66 14.20 23.12
CA ASP B 306 -17.84 15.23 23.77
C ASP B 306 -16.36 15.17 23.39
N TYR B 307 -15.84 13.96 23.18
CA TYR B 307 -14.45 13.80 22.77
C TYR B 307 -14.18 14.45 21.43
N LEU B 308 -15.00 14.13 20.44
CA LEU B 308 -14.92 14.77 19.13
C LEU B 308 -15.08 16.29 19.23
N ARG B 309 -15.99 16.74 20.08
CA ARG B 309 -16.17 18.17 20.29
C ARG B 309 -14.89 18.83 20.83
N SER B 310 -14.30 18.22 21.87
CA SER B 310 -13.05 18.70 22.44
C SER B 310 -11.90 18.70 21.44
N ILE B 311 -11.85 17.66 20.62
CA ILE B 311 -10.79 17.52 19.63
C ILE B 311 -10.84 18.67 18.65
N ALA B 312 -12.04 19.02 18.20
CA ALA B 312 -12.22 20.14 17.27
C ALA B 312 -11.74 21.46 17.87
N ARG B 313 -12.09 21.69 19.13
CA ARG B 313 -11.66 22.90 19.82
C ARG B 313 -10.13 22.87 20.01
N TYR B 314 -9.61 21.68 20.27
CA TYR B 314 -8.18 21.46 20.45
C TYR B 314 -7.39 21.83 19.19
N ILE B 315 -8.00 21.58 18.03
CA ILE B 315 -7.41 21.94 16.75
C ILE B 315 -7.48 23.47 16.53
N VAL B 316 -7.07 24.21 17.57
CA VAL B 316 -7.02 25.68 17.54
C VAL B 316 -6.30 26.18 18.79
C1 GOL C . 18.26 0.08 14.45
O1 GOL C . 17.42 -0.76 15.22
C2 GOL C . 19.23 -0.78 13.64
O2 GOL C . 18.52 -1.55 12.68
C3 GOL C . 20.23 0.12 12.94
O3 GOL C . 21.48 -0.54 12.87
CA CA D . 6.30 17.49 1.53
C ACT E . 21.21 -4.03 11.73
O ACT E . 21.82 -3.33 12.56
OXT ACT E . 20.38 -3.44 10.99
CH3 ACT E . 21.44 -5.50 11.65
#